data_8FJO
#
_entry.id   8FJO
#
_cell.length_a   97.511
_cell.length_b   71.635
_cell.length_c   64.624
_cell.angle_alpha   90.00
_cell.angle_beta   109.64
_cell.angle_gamma   90.00
#
_symmetry.space_group_name_H-M   'C 1 2 1'
#
loop_
_entity.id
_entity.type
_entity.pdbx_description
1 polymer 'Cytochrome P450 124A1, Cyp124A1'
2 non-polymer 'PROTOPORPHYRIN IX CONTAINING FE'
3 non-polymer '(2E,6E)-3,7,11-trimethyldodeca-2,6,10-trien-1-yl acetate'
4 non-polymer 'TRIETHYLENE GLYCOL'
5 non-polymer DI(HYDROXYETHYL)ETHER
6 non-polymer 'AMMONIUM ION'
7 non-polymer 'SULFATE ION'
8 water water
#
_entity_poly.entity_id   1
_entity_poly.type   'polypeptide(L)'
_entity_poly.pdbx_seq_one_letter_code
;MDLSTNLNTGLLPRVNGTPPPEVPLADIELGSLEFWGRDDDFRDGAFATLRREAPISFWPPIELAGLTAGKGHWALTKHD
DIHFASRHPEIFHSSPNIVIHDQTPELAEYFGSMIVLDDPRHQRLRSIVSRAFTPKVVARIEASVRERAHRLVAAMIENH
PDGQADLVSELAGPLPLQIICDMMGIPEEDHEQIFHWTNVILGFGDPDLTTDFDEFLQVSMAIGGYATALADDRRVNHHG
DLTTSLVEAEVDGERLSSSEIAMFFILLVVAGNETTRNAISHGMLALSRYPDERAKWWSDFDGLAATAVEEIVRWASPVV
YMRRTLSQDVDLRGTKMAAGDKVTLWYCSANRDEEKFADPWTFDVTRNPNPQVGFGGGGAHFCLGANLARREIRVVFDEL
RRQMPDVVATEEPARLLSQFIHGIKRLPVAWSRHHHHHH
;
_entity_poly.pdbx_strand_id   A
#
loop_
_chem_comp.id
_chem_comp.type
_chem_comp.name
_chem_comp.formula
HEM non-polymer 'PROTOPORPHYRIN IX CONTAINING FE' 'C34 H32 Fe N4 O4'
NH4 non-polymer 'AMMONIUM ION' 'H4 N 1'
PEG non-polymer DI(HYDROXYETHYL)ETHER 'C4 H10 O3'
PGE non-polymer 'TRIETHYLENE GLYCOL' 'C6 H14 O4'
SO4 non-polymer 'SULFATE ION' 'O4 S -2'
Y7R non-polymer '(2E,6E)-3,7,11-trimethyldodeca-2,6,10-trien-1-yl acetate' 'C17 H28 O2'
#
# COMPACT_ATOMS: atom_id res chain seq x y z
N GLY A 10 -21.56 4.70 -3.15
CA GLY A 10 -21.42 4.93 -1.71
C GLY A 10 -22.78 5.33 -1.19
N LEU A 11 -22.84 6.27 -0.28
CA LEU A 11 -24.16 6.77 0.09
C LEU A 11 -24.11 8.21 -0.44
N LEU A 12 -23.01 8.91 -0.19
CA LEU A 12 -22.98 10.35 -0.48
C LEU A 12 -22.93 10.64 -1.99
N PRO A 13 -23.94 11.27 -2.63
CA PRO A 13 -23.86 11.53 -4.06
C PRO A 13 -22.74 12.53 -4.25
N ARG A 14 -21.83 12.20 -5.14
CA ARG A 14 -20.73 13.07 -5.45
C ARG A 14 -20.58 12.97 -6.95
N VAL A 15 -20.59 14.12 -7.60
CA VAL A 15 -20.46 14.09 -9.06
C VAL A 15 -19.00 13.91 -9.39
N ASN A 16 -18.73 13.01 -10.31
CA ASN A 16 -17.36 12.78 -10.78
C ASN A 16 -16.78 14.08 -11.26
N GLY A 17 -15.57 14.40 -10.81
CA GLY A 17 -14.99 15.65 -11.20
C GLY A 17 -15.19 16.78 -10.21
N THR A 18 -15.83 16.53 -9.08
CA THR A 18 -15.99 17.59 -8.09
C THR A 18 -14.69 17.90 -7.38
N PRO A 19 -14.20 19.13 -7.39
CA PRO A 19 -12.97 19.44 -6.67
C PRO A 19 -13.23 19.48 -5.17
N PRO A 20 -12.18 19.34 -4.37
CA PRO A 20 -12.34 19.43 -2.93
C PRO A 20 -12.56 20.87 -2.53
N PRO A 21 -13.15 21.10 -1.37
CA PRO A 21 -13.34 22.47 -0.89
C PRO A 21 -12.01 23.20 -0.74
N GLU A 22 -12.08 24.52 -0.82
CA GLU A 22 -10.93 25.36 -0.53
C GLU A 22 -10.66 25.29 0.98
N VAL A 23 -9.48 24.82 1.34
CA VAL A 23 -9.10 24.71 2.74
C VAL A 23 -8.06 25.80 2.99
N PRO A 24 -8.32 26.76 3.85
CA PRO A 24 -7.35 27.84 4.05
C PRO A 24 -6.08 27.26 4.68
N LEU A 25 -4.94 27.80 4.26
CA LEU A 25 -3.64 27.35 4.77
C LEU A 25 -3.62 27.33 6.30
N ALA A 26 -4.20 28.35 6.94
CA ALA A 26 -4.27 28.44 8.40
C ALA A 26 -5.06 27.30 9.04
N ASP A 27 -5.81 26.54 8.27
CA ASP A 27 -6.59 25.45 8.83
C ASP A 27 -5.94 24.10 8.62
N ILE A 28 -4.78 24.05 7.99
CA ILE A 28 -4.10 22.80 7.72
C ILE A 28 -3.12 22.52 8.85
N GLU A 29 -3.31 21.42 9.56
CA GLU A 29 -2.31 20.96 10.54
C GLU A 29 -1.96 19.49 10.30
N LEU A 30 -0.91 19.25 9.51
CA LEU A 30 -0.53 17.87 9.22
C LEU A 30 -0.03 17.18 10.47
N GLY A 31 0.33 17.94 11.50
CA GLY A 31 0.77 17.35 12.73
C GLY A 31 -0.34 17.02 13.68
N SER A 32 -1.58 17.10 13.22
CA SER A 32 -2.75 16.94 14.08
C SER A 32 -3.46 15.63 13.76
N LEU A 33 -3.64 14.80 14.76
CA LEU A 33 -4.46 13.62 14.52
C LEU A 33 -5.86 13.99 14.04
N GLU A 34 -6.38 15.15 14.48
CA GLU A 34 -7.73 15.56 14.06
C GLU A 34 -7.74 15.75 12.56
N PHE A 35 -6.67 16.31 12.01
CA PHE A 35 -6.58 16.47 10.57
C PHE A 35 -6.77 15.12 9.86
N TRP A 36 -6.03 14.09 10.28
CA TRP A 36 -6.11 12.81 9.57
C TRP A 36 -7.44 12.10 9.80
N GLY A 37 -8.20 12.47 10.84
CA GLY A 37 -9.52 11.88 10.92
C GLY A 37 -10.55 12.51 10.00
N ARG A 38 -10.22 13.65 9.39
CA ARG A 38 -11.23 14.34 8.53
C ARG A 38 -11.45 13.52 7.25
N ASP A 39 -12.56 13.77 6.55
CA ASP A 39 -12.82 13.02 5.32
C ASP A 39 -11.85 13.43 4.21
N ASP A 40 -11.87 12.68 3.11
CA ASP A 40 -10.89 12.85 2.05
C ASP A 40 -11.04 14.18 1.36
N ASP A 41 -12.27 14.68 1.36
CA ASP A 41 -12.52 15.98 0.68
C ASP A 41 -11.69 17.04 1.39
N PHE A 42 -11.73 17.05 2.72
CA PHE A 42 -10.93 18.02 3.44
C PHE A 42 -9.42 17.80 3.24
N ARG A 43 -8.96 16.56 3.35
CA ARG A 43 -7.55 16.27 3.19
C ARG A 43 -7.07 16.66 1.81
N ASP A 44 -7.85 16.27 0.77
CA ASP A 44 -7.48 16.60 -0.61
C ASP A 44 -7.43 18.11 -0.79
N GLY A 45 -8.39 18.82 -0.18
CA GLY A 45 -8.40 20.28 -0.30
C GLY A 45 -7.24 20.90 0.43
N ALA A 46 -6.85 20.30 1.56
CA ALA A 46 -5.69 20.81 2.26
C ALA A 46 -4.44 20.64 1.41
N PHE A 47 -4.26 19.46 0.80
CA PHE A 47 -3.07 19.27 -0.04
C PHE A 47 -3.15 20.10 -1.30
N ALA A 48 -4.37 20.35 -1.79
CA ALA A 48 -4.48 21.27 -2.92
C ALA A 48 -3.97 22.66 -2.50
N THR A 49 -4.32 23.10 -1.30
CA THR A 49 -3.80 24.38 -0.85
C THR A 49 -2.29 24.35 -0.69
N LEU A 50 -1.73 23.26 -0.12
CA LEU A 50 -0.30 23.23 0.02
C LEU A 50 0.36 23.30 -1.34
N ARG A 51 -0.17 22.59 -2.33
CA ARG A 51 0.49 22.58 -3.62
C ARG A 51 0.50 23.98 -4.20
N ARG A 52 -0.56 24.74 -3.96
CA ARG A 52 -0.66 26.06 -4.56
C ARG A 52 0.12 27.07 -3.74
N GLU A 53 0.01 27.01 -2.42
CA GLU A 53 0.50 28.09 -1.58
C GLU A 53 1.75 27.77 -0.78
N ALA A 54 2.02 26.51 -0.49
CA ALA A 54 3.16 26.14 0.35
C ALA A 54 3.58 24.72 -0.02
N PRO A 55 4.10 24.55 -1.23
CA PRO A 55 4.30 23.20 -1.79
C PRO A 55 5.35 22.43 -1.04
N ILE A 56 6.23 23.12 -0.34
CA ILE A 56 7.17 22.49 0.57
C ILE A 56 7.06 23.25 1.86
N SER A 57 6.78 22.52 2.94
CA SER A 57 6.50 23.17 4.22
C SER A 57 6.90 22.18 5.29
N PHE A 58 7.18 22.70 6.48
CA PHE A 58 7.73 21.91 7.58
C PHE A 58 6.68 21.69 8.66
N TRP A 59 6.48 20.44 9.05
CA TRP A 59 5.43 20.12 10.00
C TRP A 59 5.97 19.33 11.19
N PRO A 60 5.41 19.52 12.37
CA PRO A 60 5.72 18.64 13.51
C PRO A 60 5.07 17.29 13.29
N PRO A 61 5.59 16.16 13.85
CA PRO A 61 4.93 14.89 13.62
C PRO A 61 3.71 14.79 14.54
N ILE A 62 2.82 13.86 14.21
CA ILE A 62 1.65 13.61 15.04
C ILE A 62 2.17 13.22 16.42
N GLU A 63 1.73 13.95 17.45
CA GLU A 63 2.06 13.59 18.84
C GLU A 63 0.99 12.66 19.38
N LEU A 64 1.37 11.44 19.68
CA LEU A 64 0.56 10.57 20.51
C LEU A 64 0.91 10.95 21.95
N ALA A 65 -0.04 11.58 22.64
CA ALA A 65 0.15 12.11 23.98
C ALA A 65 0.69 11.02 24.90
N GLY A 66 1.84 11.28 25.50
CA GLY A 66 2.49 10.33 26.38
C GLY A 66 3.58 9.51 25.73
N LEU A 67 3.67 9.54 24.40
CA LEU A 67 4.67 8.79 23.66
C LEU A 67 5.56 9.77 22.94
N THR A 68 6.80 9.36 22.70
CA THR A 68 7.74 10.18 21.95
C THR A 68 7.19 10.42 20.55
N ALA A 69 7.39 11.65 20.07
CA ALA A 69 6.86 12.06 18.77
C ALA A 69 7.90 12.12 17.67
N GLY A 70 9.13 12.39 18.00
CA GLY A 70 10.13 12.63 16.98
C GLY A 70 10.18 14.07 16.48
N LYS A 71 11.17 14.30 15.62
CA LYS A 71 11.33 15.66 15.05
C LYS A 71 10.38 15.80 13.86
N GLY A 72 10.25 17.02 13.35
CA GLY A 72 9.33 17.31 12.25
C GLY A 72 9.83 16.87 10.87
N HIS A 73 9.04 17.22 9.83
CA HIS A 73 9.39 16.79 8.47
C HIS A 73 8.96 17.85 7.46
N TRP A 74 9.72 17.92 6.38
CA TRP A 74 9.39 18.73 5.22
C TRP A 74 8.44 17.93 4.35
N ALA A 75 7.21 18.43 4.18
CA ALA A 75 6.21 17.84 3.30
C ALA A 75 6.44 18.29 1.87
N LEU A 76 6.71 17.31 0.99
CA LEU A 76 6.74 17.51 -0.45
C LEU A 76 5.39 17.10 -1.00
N THR A 77 4.71 18.04 -1.66
CA THR A 77 3.33 17.84 -2.11
C THR A 77 3.18 17.83 -3.63
N LYS A 78 4.20 18.27 -4.35
CA LYS A 78 4.21 18.35 -5.80
C LYS A 78 4.81 17.08 -6.38
N HIS A 79 4.17 16.63 -7.44
CA HIS A 79 4.63 15.44 -8.13
C HIS A 79 6.11 15.57 -8.54
N ASP A 80 6.48 16.72 -9.11
CA ASP A 80 7.86 16.89 -9.57
C ASP A 80 8.86 16.75 -8.42
N ASP A 81 8.57 17.33 -7.27
CA ASP A 81 9.46 17.22 -6.13
C ASP A 81 9.53 15.80 -5.62
N ILE A 82 8.39 15.14 -5.55
CA ILE A 82 8.37 13.77 -5.07
C ILE A 82 9.14 12.88 -6.03
N HIS A 83 8.91 13.09 -7.30
CA HIS A 83 9.67 12.34 -8.30
C HIS A 83 11.16 12.60 -8.15
N PHE A 84 11.55 13.86 -7.97
CA PHE A 84 12.96 14.17 -7.80
C PHE A 84 13.53 13.49 -6.57
N ALA A 85 12.78 13.51 -5.47
CA ALA A 85 13.32 12.93 -4.25
C ALA A 85 13.47 11.45 -4.40
N SER A 86 12.50 10.83 -5.06
CA SER A 86 12.55 9.39 -5.24
C SER A 86 13.75 9.00 -6.06
N ARG A 87 14.06 9.80 -7.09
CA ARG A 87 15.12 9.42 -8.07
C ARG A 87 16.50 9.82 -7.58
N HIS A 88 16.61 10.21 -6.32
CA HIS A 88 17.87 10.61 -5.70
C HIS A 88 18.05 10.01 -4.32
N PRO A 89 18.07 8.69 -4.23
CA PRO A 89 18.15 8.07 -2.91
C PRO A 89 19.45 8.39 -2.15
N GLU A 90 20.46 8.91 -2.84
CA GLU A 90 21.73 9.25 -2.20
C GLU A 90 21.57 10.51 -1.36
N ILE A 91 20.65 11.38 -1.74
CA ILE A 91 20.30 12.55 -0.96
C ILE A 91 19.17 12.22 0.01
N PHE A 92 18.14 11.54 -0.47
CA PHE A 92 16.91 11.28 0.29
C PHE A 92 16.97 9.83 0.72
N HIS A 93 17.52 9.59 1.91
CA HIS A 93 17.78 8.23 2.32
C HIS A 93 16.52 7.53 2.83
N SER A 94 16.46 6.23 2.59
CA SER A 94 15.38 5.44 3.18
C SER A 94 15.74 4.92 4.54
N SER A 95 17.07 4.78 4.83
CA SER A 95 17.47 4.49 6.19
C SER A 95 17.39 5.78 7.02
N PRO A 96 16.85 5.73 8.24
CA PRO A 96 16.54 4.53 9.05
C PRO A 96 15.23 3.88 8.80
N ASN A 97 14.25 4.64 8.29
CA ASN A 97 12.94 4.08 8.09
C ASN A 97 12.18 5.07 7.21
N ILE A 98 11.03 4.57 6.71
CA ILE A 98 10.19 5.30 5.72
C ILE A 98 8.86 5.76 6.32
N VAL A 99 8.72 5.77 7.64
CA VAL A 99 7.56 6.37 8.30
C VAL A 99 8.08 7.60 9.03
N ILE A 100 7.19 8.55 9.34
CA ILE A 100 7.66 9.78 9.98
C ILE A 100 8.38 9.49 11.28
N HIS A 101 7.80 8.64 12.11
CA HIS A 101 8.40 8.30 13.39
C HIS A 101 8.29 6.80 13.63
N ASP A 102 9.46 6.15 13.79
CA ASP A 102 9.57 4.70 13.99
C ASP A 102 9.48 4.42 15.47
N GLN A 103 8.45 3.66 15.88
CA GLN A 103 8.23 3.40 17.26
C GLN A 103 9.13 2.26 17.75
N THR A 104 9.63 1.43 16.84
CA THR A 104 10.55 0.34 17.19
C THR A 104 11.78 0.40 16.29
N PRO A 105 12.61 1.42 16.48
CA PRO A 105 13.72 1.63 15.57
C PRO A 105 14.74 0.49 15.59
N GLU A 106 14.84 -0.21 16.74
CA GLU A 106 15.72 -1.37 16.77
C GLU A 106 15.21 -2.48 15.87
N LEU A 107 13.94 -2.42 15.48
CA LEU A 107 13.38 -3.45 14.59
C LEU A 107 13.10 -2.89 13.21
N ALA A 108 13.70 -1.77 12.85
CA ALA A 108 13.40 -1.16 11.55
C ALA A 108 13.66 -2.14 10.42
N GLU A 109 14.82 -2.81 10.41
CA GLU A 109 15.10 -3.78 9.34
C GLU A 109 14.26 -5.04 9.50
N TYR A 110 13.83 -5.34 10.73
CA TYR A 110 13.10 -6.57 10.95
C TYR A 110 11.74 -6.52 10.28
N PHE A 111 11.07 -5.40 10.36
CA PHE A 111 9.81 -5.21 9.71
C PHE A 111 9.96 -4.69 8.31
N GLY A 112 11.07 -4.01 8.01
CA GLY A 112 11.18 -3.24 6.79
C GLY A 112 11.91 -3.94 5.67
N SER A 113 12.74 -4.90 6.03
CA SER A 113 13.59 -5.55 5.01
C SER A 113 14.18 -4.49 4.09
N MET A 114 14.05 -4.66 2.77
CA MET A 114 14.72 -3.76 1.81
C MET A 114 14.17 -2.33 1.81
N ILE A 115 12.99 -2.08 2.37
CA ILE A 115 12.45 -0.76 2.19
C ILE A 115 13.16 0.24 3.09
N VAL A 116 13.90 -0.22 4.12
CA VAL A 116 14.54 0.73 5.02
C VAL A 116 16.04 0.80 4.75
N LEU A 117 16.47 0.19 3.67
CA LEU A 117 17.88 0.12 3.32
C LEU A 117 18.19 1.10 2.22
N ASP A 118 19.40 1.65 2.30
CA ASP A 118 19.99 2.41 1.22
C ASP A 118 21.04 1.55 0.53
N ASP A 119 21.49 2.03 -0.62
CA ASP A 119 22.54 1.31 -1.28
C ASP A 119 23.85 1.48 -0.50
N PRO A 120 24.71 0.49 -0.56
CA PRO A 120 24.59 -0.67 -1.43
C PRO A 120 23.80 -1.82 -0.87
N ARG A 121 23.49 -1.79 0.43
N ARG A 121 23.47 -1.78 0.43
CA ARG A 121 22.71 -2.87 1.04
CA ARG A 121 22.72 -2.88 1.04
C ARG A 121 21.42 -3.09 0.26
C ARG A 121 21.41 -3.09 0.28
N HIS A 122 20.74 -1.99 -0.06
CA HIS A 122 19.42 -2.12 -0.68
C HIS A 122 19.51 -2.88 -1.99
N GLN A 123 20.41 -2.46 -2.88
CA GLN A 123 20.48 -3.05 -4.20
C GLN A 123 20.80 -4.53 -4.10
N ARG A 124 21.63 -4.93 -3.13
CA ARG A 124 22.00 -6.34 -3.00
C ARG A 124 20.78 -7.19 -2.64
N LEU A 125 20.09 -6.79 -1.58
CA LEU A 125 18.89 -7.49 -1.16
C LEU A 125 17.81 -7.50 -2.25
N ARG A 126 17.52 -6.33 -2.78
CA ARG A 126 16.48 -6.28 -3.80
C ARG A 126 16.84 -7.13 -5.01
N SER A 127 18.11 -7.10 -5.44
N SER A 127 18.13 -7.11 -5.44
CA SER A 127 18.47 -7.92 -6.60
CA SER A 127 18.52 -7.93 -6.57
C SER A 127 18.34 -9.41 -6.30
C SER A 127 18.31 -9.41 -6.29
N ILE A 128 18.68 -9.86 -5.08
CA ILE A 128 18.56 -11.29 -4.83
C ILE A 128 17.10 -11.67 -4.72
N VAL A 129 16.32 -10.84 -4.00
CA VAL A 129 14.88 -11.12 -3.94
C VAL A 129 14.25 -11.14 -5.34
N SER A 130 14.60 -10.17 -6.20
N SER A 130 14.62 -10.19 -6.21
CA SER A 130 14.03 -10.12 -7.55
CA SER A 130 14.04 -10.13 -7.55
C SER A 130 14.33 -11.41 -8.31
C SER A 130 14.34 -11.41 -8.34
N ARG A 131 15.58 -11.87 -8.28
CA ARG A 131 15.98 -13.15 -8.87
C ARG A 131 15.11 -14.31 -8.43
N ALA A 132 14.55 -14.24 -7.21
CA ALA A 132 13.76 -15.38 -6.77
C ALA A 132 12.42 -15.43 -7.47
N PHE A 133 12.02 -14.37 -8.16
CA PHE A 133 10.75 -14.40 -8.90
C PHE A 133 10.99 -14.98 -10.29
N THR A 134 11.20 -16.31 -10.30
CA THR A 134 11.44 -17.08 -11.49
C THR A 134 10.16 -17.26 -12.27
N PRO A 135 10.26 -17.62 -13.54
CA PRO A 135 9.04 -17.80 -14.33
C PRO A 135 8.09 -18.77 -13.72
N LYS A 136 8.59 -19.87 -13.15
CA LYS A 136 7.69 -20.91 -12.59
C LYS A 136 6.98 -20.33 -11.36
N VAL A 137 7.68 -19.55 -10.54
CA VAL A 137 7.13 -18.96 -9.33
C VAL A 137 6.10 -17.92 -9.71
N VAL A 138 6.42 -17.10 -10.71
CA VAL A 138 5.49 -16.07 -11.16
C VAL A 138 4.25 -16.71 -11.72
N ALA A 139 4.41 -17.75 -12.52
CA ALA A 139 3.23 -18.37 -13.11
C ALA A 139 2.33 -18.87 -11.99
N ARG A 140 2.91 -19.50 -10.97
CA ARG A 140 2.10 -19.96 -9.84
C ARG A 140 1.42 -18.80 -9.15
N ILE A 141 2.12 -17.67 -9.00
CA ILE A 141 1.46 -16.52 -8.40
C ILE A 141 0.26 -16.10 -9.23
N GLU A 142 0.41 -16.04 -10.56
CA GLU A 142 -0.68 -15.56 -11.39
C GLU A 142 -1.86 -16.51 -11.31
N ALA A 143 -1.57 -17.81 -11.22
CA ALA A 143 -2.67 -18.75 -11.09
C ALA A 143 -3.38 -18.56 -9.74
N SER A 144 -2.57 -18.33 -8.69
CA SER A 144 -3.11 -18.08 -7.35
C SER A 144 -4.00 -16.84 -7.33
N VAL A 145 -3.56 -15.75 -7.96
CA VAL A 145 -4.37 -14.53 -7.98
C VAL A 145 -5.76 -14.86 -8.51
N ARG A 146 -5.84 -15.50 -9.68
CA ARG A 146 -7.11 -15.84 -10.27
C ARG A 146 -7.92 -16.80 -9.38
N GLU A 147 -7.28 -17.86 -8.92
CA GLU A 147 -7.97 -18.85 -8.10
C GLU A 147 -8.51 -18.25 -6.81
N ARG A 148 -7.69 -17.46 -6.12
CA ARG A 148 -8.10 -16.91 -4.83
C ARG A 148 -9.20 -15.87 -5.03
N ALA A 149 -9.04 -15.02 -6.06
CA ALA A 149 -10.09 -14.04 -6.32
C ALA A 149 -11.39 -14.72 -6.65
N HIS A 150 -11.33 -15.72 -7.53
CA HIS A 150 -12.52 -16.42 -7.91
C HIS A 150 -13.18 -17.06 -6.68
N ARG A 151 -12.35 -17.74 -5.89
CA ARG A 151 -12.88 -18.45 -4.68
C ARG A 151 -13.49 -17.44 -3.70
N LEU A 152 -12.77 -16.36 -3.41
CA LEU A 152 -13.29 -15.44 -2.39
C LEU A 152 -14.59 -14.77 -2.84
N VAL A 153 -14.72 -14.41 -4.13
CA VAL A 153 -15.98 -13.83 -4.57
C VAL A 153 -17.09 -14.89 -4.53
N ALA A 154 -16.78 -16.11 -4.97
CA ALA A 154 -17.78 -17.17 -4.94
C ALA A 154 -18.21 -17.45 -3.51
N ALA A 155 -17.28 -17.39 -2.58
CA ALA A 155 -17.61 -17.64 -1.19
C ALA A 155 -18.45 -16.51 -0.62
N MET A 156 -18.19 -15.27 -1.05
CA MET A 156 -19.03 -14.13 -0.62
C MET A 156 -20.48 -14.47 -0.95
N ILE A 157 -20.70 -14.96 -2.17
CA ILE A 157 -22.05 -15.31 -2.61
C ILE A 157 -22.60 -16.42 -1.74
N GLU A 158 -21.80 -17.47 -1.48
CA GLU A 158 -22.35 -18.63 -0.71
C GLU A 158 -22.52 -18.27 0.77
N ASN A 159 -21.74 -17.33 1.29
CA ASN A 159 -21.82 -16.95 2.70
C ASN A 159 -22.85 -15.89 2.96
N HIS A 160 -23.44 -15.28 1.91
CA HIS A 160 -24.32 -14.15 2.05
C HIS A 160 -25.49 -14.30 1.09
N PRO A 161 -26.42 -15.21 1.40
CA PRO A 161 -27.66 -15.30 0.62
C PRO A 161 -28.41 -14.00 0.62
N ASP A 162 -28.18 -13.18 1.64
CA ASP A 162 -28.80 -11.87 1.72
C ASP A 162 -28.24 -10.90 0.68
N GLY A 163 -27.13 -11.21 0.03
CA GLY A 163 -26.63 -10.31 -0.99
C GLY A 163 -25.95 -9.09 -0.44
N GLN A 164 -25.40 -9.17 0.79
CA GLN A 164 -24.68 -8.05 1.35
C GLN A 164 -23.51 -8.58 2.14
N ALA A 165 -22.45 -7.78 2.20
CA ALA A 165 -21.22 -8.25 2.85
C ALA A 165 -20.35 -7.02 3.08
N ASP A 166 -19.35 -7.20 3.90
CA ASP A 166 -18.28 -6.22 4.04
C ASP A 166 -17.19 -6.62 3.06
N LEU A 167 -16.99 -5.80 2.03
CA LEU A 167 -15.95 -6.08 1.07
C LEU A 167 -14.58 -6.27 1.73
N VAL A 168 -14.30 -5.54 2.81
CA VAL A 168 -12.96 -5.62 3.37
C VAL A 168 -12.71 -6.98 4.02
N SER A 169 -13.62 -7.45 4.85
CA SER A 169 -13.45 -8.74 5.58
C SER A 169 -13.55 -9.92 4.63
N GLU A 170 -14.34 -9.80 3.58
CA GLU A 170 -14.63 -11.00 2.78
C GLU A 170 -13.78 -11.12 1.52
N LEU A 171 -13.18 -10.02 1.08
CA LEU A 171 -12.48 -10.06 -0.22
C LEU A 171 -11.25 -9.18 -0.24
N ALA A 172 -11.44 -7.89 0.02
CA ALA A 172 -10.29 -7.00 -0.14
C ALA A 172 -9.19 -7.34 0.85
N GLY A 173 -9.55 -7.64 2.10
CA GLY A 173 -8.63 -8.08 3.14
C GLY A 173 -7.95 -9.41 2.85
N PRO A 174 -8.70 -10.46 2.58
CA PRO A 174 -8.07 -11.78 2.46
C PRO A 174 -7.35 -12.01 1.16
N LEU A 175 -7.79 -11.45 0.05
CA LEU A 175 -7.16 -11.77 -1.22
C LEU A 175 -5.67 -11.52 -1.23
N PRO A 176 -5.15 -10.33 -0.86
CA PRO A 176 -3.71 -10.10 -0.98
C PRO A 176 -2.95 -11.00 -0.08
N LEU A 177 -3.51 -11.29 1.11
CA LEU A 177 -2.73 -12.12 2.03
C LEU A 177 -2.75 -13.57 1.60
N GLN A 178 -3.87 -14.04 1.04
CA GLN A 178 -3.92 -15.42 0.58
C GLN A 178 -2.92 -15.60 -0.55
N ILE A 179 -2.75 -14.56 -1.36
CA ILE A 179 -1.78 -14.62 -2.46
C ILE A 179 -0.36 -14.67 -1.92
N ILE A 180 -0.05 -13.83 -0.95
CA ILE A 180 1.26 -13.94 -0.31
C ILE A 180 1.45 -15.33 0.32
N CYS A 181 0.43 -15.87 0.99
CA CYS A 181 0.59 -17.21 1.55
C CYS A 181 0.85 -18.23 0.46
N ASP A 182 0.11 -18.14 -0.67
CA ASP A 182 0.32 -19.12 -1.74
C ASP A 182 1.73 -19.00 -2.32
N MET A 183 2.20 -17.77 -2.53
CA MET A 183 3.53 -17.66 -3.11
C MET A 183 4.61 -18.16 -2.13
N MET A 184 4.41 -17.99 -0.83
CA MET A 184 5.43 -18.56 0.09
C MET A 184 5.28 -20.05 0.27
N GLY A 185 4.28 -20.66 -0.36
CA GLY A 185 4.15 -22.11 -0.18
C GLY A 185 3.59 -22.51 1.16
N ILE A 186 2.82 -21.64 1.79
CA ILE A 186 2.37 -21.80 3.15
C ILE A 186 1.16 -22.72 3.14
N PRO A 187 1.18 -23.82 3.91
CA PRO A 187 0.07 -24.78 3.91
C PRO A 187 -1.24 -24.12 4.24
N GLU A 188 -2.29 -24.61 3.59
CA GLU A 188 -3.61 -24.07 3.82
C GLU A 188 -3.94 -24.04 5.29
N GLU A 189 -3.49 -25.07 6.05
CA GLU A 189 -3.83 -25.17 7.47
C GLU A 189 -3.19 -24.07 8.29
N ASP A 190 -2.13 -23.44 7.80
CA ASP A 190 -1.47 -22.38 8.54
C ASP A 190 -2.03 -20.99 8.23
N HIS A 191 -3.05 -20.89 7.36
CA HIS A 191 -3.55 -19.57 6.97
C HIS A 191 -4.11 -18.79 8.14
N GLU A 192 -4.94 -19.46 8.95
CA GLU A 192 -5.55 -18.81 10.15
C GLU A 192 -4.45 -18.18 11.01
N GLN A 193 -3.39 -18.94 11.32
CA GLN A 193 -2.31 -18.39 12.13
C GLN A 193 -1.69 -17.17 11.48
N ILE A 194 -1.36 -17.30 10.18
CA ILE A 194 -0.71 -16.19 9.48
C ILE A 194 -1.64 -14.98 9.46
N PHE A 195 -2.91 -15.22 9.19
CA PHE A 195 -3.90 -14.14 9.22
C PHE A 195 -3.97 -13.48 10.59
N HIS A 196 -4.04 -14.31 11.65
CA HIS A 196 -4.12 -13.72 12.98
C HIS A 196 -2.90 -12.87 13.28
N TRP A 197 -1.70 -13.44 13.08
CA TRP A 197 -0.48 -12.69 13.30
C TRP A 197 -0.47 -11.41 12.48
N THR A 198 -0.80 -11.52 11.19
CA THR A 198 -0.73 -10.34 10.32
C THR A 198 -1.68 -9.26 10.81
N ASN A 199 -2.87 -9.68 11.22
CA ASN A 199 -3.86 -8.68 11.61
C ASN A 199 -3.48 -8.00 12.91
N VAL A 200 -2.83 -8.74 13.84
CA VAL A 200 -2.32 -8.10 15.05
C VAL A 200 -1.27 -7.10 14.69
N ILE A 201 -0.36 -7.46 13.77
CA ILE A 201 0.67 -6.52 13.36
C ILE A 201 0.03 -5.30 12.69
N LEU A 202 -0.84 -5.51 11.71
CA LEU A 202 -1.45 -4.35 11.04
C LEU A 202 -2.30 -3.54 12.01
N GLY A 203 -2.87 -4.19 13.00
CA GLY A 203 -3.81 -3.53 13.88
C GLY A 203 -3.17 -2.73 14.98
N PHE A 204 -1.88 -2.97 15.23
CA PHE A 204 -1.24 -2.38 16.39
C PHE A 204 -1.22 -0.87 16.27
N GLY A 205 -1.64 -0.20 17.34
CA GLY A 205 -1.70 1.24 17.36
C GLY A 205 -3.04 1.81 16.97
N ASP A 206 -3.91 1.02 16.38
CA ASP A 206 -5.19 1.55 15.96
C ASP A 206 -6.01 1.83 17.21
N PRO A 207 -6.65 3.00 17.31
CA PRO A 207 -7.48 3.26 18.49
C PRO A 207 -8.40 2.11 18.88
N ASP A 208 -9.08 1.47 17.92
CA ASP A 208 -10.09 0.48 18.31
C ASP A 208 -9.48 -0.89 18.57
N LEU A 209 -8.48 -1.31 17.80
CA LEU A 209 -7.85 -2.61 18.05
C LEU A 209 -6.89 -2.45 19.21
N THR A 210 -7.37 -2.75 20.43
CA THR A 210 -6.64 -2.48 21.67
C THR A 210 -5.53 -3.50 21.94
N THR A 211 -4.64 -3.75 20.98
CA THR A 211 -3.57 -4.73 21.18
C THR A 211 -2.35 -4.07 21.81
N ASP A 212 -1.85 -4.66 22.90
CA ASP A 212 -0.74 -4.05 23.61
C ASP A 212 0.59 -4.41 22.94
N PHE A 213 1.61 -3.62 23.28
CA PHE A 213 2.89 -3.74 22.62
C PHE A 213 3.51 -5.09 22.87
N ASP A 214 3.24 -5.67 24.05
CA ASP A 214 3.75 -6.98 24.37
C ASP A 214 3.18 -8.03 23.43
N GLU A 215 1.88 -8.01 23.17
CA GLU A 215 1.33 -8.96 22.20
C GLU A 215 1.89 -8.67 20.81
N PHE A 216 2.07 -7.41 20.48
CA PHE A 216 2.60 -7.03 19.19
C PHE A 216 3.99 -7.60 19.00
N LEU A 217 4.85 -7.47 20.02
CA LEU A 217 6.18 -8.06 19.88
C LEU A 217 6.09 -9.56 19.75
N GLN A 218 5.29 -10.22 20.59
CA GLN A 218 5.30 -11.67 20.55
C GLN A 218 4.81 -12.18 19.22
N VAL A 219 3.78 -11.54 18.67
CA VAL A 219 3.31 -11.94 17.37
C VAL A 219 4.37 -11.66 16.31
N SER A 220 5.05 -10.52 16.42
N SER A 220 5.04 -10.52 16.40
CA SER A 220 6.06 -10.18 15.42
CA SER A 220 6.05 -10.18 15.42
C SER A 220 7.21 -11.16 15.43
C SER A 220 7.17 -11.23 15.43
N MET A 221 7.59 -11.68 16.60
CA MET A 221 8.64 -12.68 16.62
C MET A 221 8.11 -14.03 16.19
N ALA A 222 6.86 -14.34 16.56
CA ALA A 222 6.30 -15.63 16.13
C ALA A 222 6.21 -15.75 14.61
N ILE A 223 5.73 -14.70 13.93
CA ILE A 223 5.64 -14.85 12.48
C ILE A 223 7.02 -14.85 11.84
N GLY A 224 7.97 -14.10 12.40
CA GLY A 224 9.36 -14.21 11.94
C GLY A 224 9.93 -15.61 12.13
N GLY A 225 9.70 -16.20 13.29
CA GLY A 225 10.16 -17.56 13.52
C GLY A 225 9.47 -18.58 12.62
N TYR A 226 8.17 -18.38 12.37
CA TYR A 226 7.51 -19.22 11.39
C TYR A 226 8.19 -19.14 10.05
N ALA A 227 8.45 -17.91 9.56
CA ALA A 227 9.07 -17.72 8.25
C ALA A 227 10.48 -18.28 8.19
N THR A 228 11.25 -18.17 9.28
CA THR A 228 12.58 -18.77 9.23
C THR A 228 12.47 -20.29 9.14
N ALA A 229 11.52 -20.87 9.89
CA ALA A 229 11.31 -22.32 9.84
C ALA A 229 10.84 -22.75 8.46
N LEU A 230 9.98 -21.96 7.85
CA LEU A 230 9.55 -22.28 6.51
C LEU A 230 10.72 -22.22 5.56
N ALA A 231 11.56 -21.19 5.68
CA ALA A 231 12.69 -21.08 4.77
C ALA A 231 13.64 -22.26 4.97
N ASP A 232 13.85 -22.62 6.23
CA ASP A 232 14.75 -23.74 6.56
C ASP A 232 14.22 -25.04 6.03
N ASP A 233 12.89 -25.21 5.99
CA ASP A 233 12.32 -26.42 5.44
C ASP A 233 12.60 -26.52 3.95
N ARG A 234 12.54 -25.40 3.22
CA ARG A 234 12.80 -25.42 1.79
C ARG A 234 14.28 -25.64 1.45
N ARG A 235 15.19 -25.37 2.39
CA ARG A 235 16.59 -25.74 2.16
C ARG A 235 16.73 -27.25 2.00
N VAL A 236 15.87 -28.02 2.64
CA VAL A 236 15.93 -29.48 2.57
C VAL A 236 14.90 -30.04 1.61
N ASN A 237 13.75 -29.40 1.50
CA ASN A 237 12.65 -29.87 0.66
C ASN A 237 12.32 -28.78 -0.35
N HIS A 238 12.93 -28.89 -1.52
CA HIS A 238 12.69 -27.97 -2.63
C HIS A 238 11.23 -28.02 -3.05
N HIS A 239 10.61 -26.86 -3.17
CA HIS A 239 9.29 -26.78 -3.76
C HIS A 239 9.21 -25.65 -4.78
N GLY A 240 8.12 -25.60 -5.50
CA GLY A 240 8.06 -24.64 -6.57
C GLY A 240 7.48 -23.33 -6.08
N ASP A 241 7.76 -22.93 -4.84
CA ASP A 241 7.25 -21.69 -4.23
C ASP A 241 8.34 -20.63 -4.15
N LEU A 242 7.93 -19.41 -3.77
CA LEU A 242 8.89 -18.31 -3.65
C LEU A 242 9.88 -18.57 -2.54
N THR A 243 9.45 -19.25 -1.49
CA THR A 243 10.35 -19.49 -0.36
C THR A 243 11.55 -20.29 -0.85
N THR A 244 11.28 -21.32 -1.63
CA THR A 244 12.40 -22.15 -2.11
C THR A 244 13.28 -21.33 -3.02
N SER A 245 12.65 -20.52 -3.89
CA SER A 245 13.46 -19.78 -4.81
C SER A 245 14.22 -18.70 -4.06
N LEU A 246 13.68 -18.20 -2.95
CA LEU A 246 14.43 -17.23 -2.13
C LEU A 246 15.65 -17.89 -1.50
N VAL A 247 15.52 -19.14 -1.05
CA VAL A 247 16.68 -19.77 -0.40
C VAL A 247 17.71 -20.15 -1.46
N GLU A 248 17.27 -20.38 -2.70
CA GLU A 248 18.16 -20.83 -3.74
C GLU A 248 18.77 -19.68 -4.54
N ALA A 249 18.19 -18.50 -4.45
CA ALA A 249 18.67 -17.38 -5.25
C ALA A 249 20.01 -16.86 -4.74
N GLU A 250 20.80 -16.30 -5.67
CA GLU A 250 22.16 -15.89 -5.40
C GLU A 250 22.49 -14.75 -6.34
N VAL A 251 23.08 -13.68 -5.82
CA VAL A 251 23.64 -12.63 -6.66
C VAL A 251 25.08 -12.41 -6.24
N ASP A 252 26.00 -12.48 -7.18
CA ASP A 252 27.43 -12.34 -6.88
C ASP A 252 27.81 -13.20 -5.68
N GLY A 253 27.37 -14.45 -5.68
CA GLY A 253 27.75 -15.34 -4.61
C GLY A 253 27.07 -15.10 -3.28
N GLU A 254 26.23 -14.07 -3.14
CA GLU A 254 25.54 -13.82 -1.88
C GLU A 254 24.14 -14.41 -1.91
N ARG A 255 23.79 -15.11 -0.85
CA ARG A 255 22.52 -15.76 -0.71
C ARG A 255 21.80 -15.14 0.48
N LEU A 256 20.50 -15.44 0.60
CA LEU A 256 19.71 -14.92 1.70
C LEU A 256 19.72 -15.91 2.87
N SER A 257 19.91 -15.39 4.08
CA SER A 257 19.68 -16.18 5.28
C SER A 257 18.19 -16.38 5.51
N SER A 258 17.87 -17.40 6.28
CA SER A 258 16.48 -17.58 6.64
C SER A 258 15.94 -16.38 7.40
N SER A 259 16.78 -15.71 8.18
CA SER A 259 16.41 -14.49 8.90
C SER A 259 16.05 -13.36 7.92
N GLU A 260 16.85 -13.20 6.89
CA GLU A 260 16.52 -12.17 5.90
C GLU A 260 15.24 -12.50 5.14
N ILE A 261 15.05 -13.76 4.79
CA ILE A 261 13.81 -14.15 4.13
C ILE A 261 12.63 -13.86 5.04
N ALA A 262 12.77 -14.15 6.36
CA ALA A 262 11.68 -13.88 7.27
C ALA A 262 11.33 -12.40 7.31
N MET A 263 12.33 -11.52 7.27
CA MET A 263 12.08 -10.09 7.39
C MET A 263 11.42 -9.62 6.11
N PHE A 264 11.83 -10.21 4.96
CA PHE A 264 11.17 -9.89 3.69
C PHE A 264 9.70 -10.35 3.73
N PHE A 265 9.45 -11.54 4.28
CA PHE A 265 8.07 -12.00 4.44
C PHE A 265 7.27 -11.03 5.29
N ILE A 266 7.85 -10.59 6.42
CA ILE A 266 7.15 -9.65 7.29
C ILE A 266 6.85 -8.35 6.54
N LEU A 267 7.81 -7.89 5.74
CA LEU A 267 7.49 -6.75 4.89
C LEU A 267 6.31 -7.04 3.99
N LEU A 268 6.31 -8.21 3.36
CA LEU A 268 5.26 -8.51 2.41
C LEU A 268 3.90 -8.55 3.09
N VAL A 269 3.78 -9.16 4.26
CA VAL A 269 2.45 -9.25 4.84
C VAL A 269 1.94 -7.89 5.27
N VAL A 270 2.77 -6.85 5.24
CA VAL A 270 2.28 -5.48 5.39
C VAL A 270 2.25 -4.79 4.04
N ALA A 271 3.44 -4.54 3.45
CA ALA A 271 3.52 -3.72 2.25
C ALA A 271 2.81 -4.34 1.05
N GLY A 272 2.68 -5.66 0.98
CA GLY A 272 2.08 -6.34 -0.16
C GLY A 272 0.59 -6.58 0.07
N ASN A 273 0.11 -6.16 1.23
CA ASN A 273 -1.15 -6.69 1.72
C ASN A 273 -2.11 -5.56 1.97
N GLU A 274 -1.84 -4.70 2.98
CA GLU A 274 -2.79 -3.67 3.31
C GLU A 274 -2.92 -2.68 2.17
N THR A 275 -1.84 -2.50 1.41
CA THR A 275 -1.86 -1.62 0.26
C THR A 275 -2.88 -2.08 -0.78
N THR A 276 -2.69 -3.29 -1.29
CA THR A 276 -3.61 -3.84 -2.27
C THR A 276 -5.03 -3.87 -1.72
N ARG A 277 -5.18 -4.26 -0.46
CA ARG A 277 -6.50 -4.25 0.17
C ARG A 277 -7.17 -2.90 -0.03
N ASN A 278 -6.45 -1.81 0.27
CA ASN A 278 -7.10 -0.52 0.19
C ASN A 278 -7.25 -0.05 -1.22
N ALA A 279 -6.38 -0.49 -2.14
CA ALA A 279 -6.67 -0.19 -3.55
C ALA A 279 -8.00 -0.79 -3.97
N ILE A 280 -8.22 -2.06 -3.61
CA ILE A 280 -9.44 -2.74 -3.98
C ILE A 280 -10.65 -2.03 -3.38
N SER A 281 -10.61 -1.77 -2.08
CA SER A 281 -11.76 -1.14 -1.44
C SER A 281 -11.99 0.24 -2.02
N HIS A 282 -10.92 1.02 -2.20
CA HIS A 282 -11.13 2.35 -2.79
C HIS A 282 -11.62 2.26 -4.21
N GLY A 283 -11.08 1.29 -4.98
CA GLY A 283 -11.57 1.12 -6.35
C GLY A 283 -13.06 0.76 -6.36
N MET A 284 -13.47 -0.11 -5.43
CA MET A 284 -14.89 -0.46 -5.34
C MET A 284 -15.72 0.74 -4.97
N LEU A 285 -15.21 1.54 -4.03
CA LEU A 285 -15.93 2.77 -3.69
C LEU A 285 -16.03 3.71 -4.88
N ALA A 286 -14.93 3.93 -5.60
CA ALA A 286 -15.04 4.82 -6.75
C ALA A 286 -15.92 4.24 -7.84
N LEU A 287 -15.86 2.93 -8.07
CA LEU A 287 -16.70 2.42 -9.16
C LEU A 287 -18.16 2.48 -8.78
N SER A 288 -18.44 2.53 -7.48
CA SER A 288 -19.78 2.68 -6.96
C SER A 288 -20.25 4.12 -7.04
N ARG A 289 -19.34 5.06 -6.72
CA ARG A 289 -19.72 6.49 -6.71
C ARG A 289 -19.84 7.01 -8.15
N TYR A 290 -19.13 6.42 -9.11
CA TYR A 290 -19.12 6.89 -10.49
C TYR A 290 -19.54 5.74 -11.38
N PRO A 291 -20.83 5.45 -11.42
CA PRO A 291 -21.28 4.28 -12.16
C PRO A 291 -21.02 4.33 -13.65
N ASP A 292 -20.88 5.51 -14.25
CA ASP A 292 -20.49 5.52 -15.66
C ASP A 292 -19.12 4.89 -15.87
N GLU A 293 -18.21 5.05 -14.90
CA GLU A 293 -16.88 4.45 -15.03
C GLU A 293 -16.96 2.92 -14.89
N ARG A 294 -17.87 2.46 -14.03
CA ARG A 294 -18.08 1.00 -13.88
C ARG A 294 -18.71 0.45 -15.17
N ALA A 295 -19.61 1.22 -15.81
CA ALA A 295 -20.20 0.74 -17.04
C ALA A 295 -19.16 0.71 -18.16
N LYS A 296 -18.33 1.74 -18.26
CA LYS A 296 -17.28 1.72 -19.26
C LYS A 296 -16.38 0.50 -19.08
N TRP A 297 -15.86 0.33 -17.88
CA TRP A 297 -14.98 -0.81 -17.67
C TRP A 297 -15.69 -2.12 -17.93
N TRP A 298 -16.90 -2.27 -17.37
CA TRP A 298 -17.65 -3.56 -17.51
C TRP A 298 -18.00 -3.78 -18.99
N SER A 299 -18.02 -2.83 -19.86
N SER A 299 -18.07 -2.82 -19.84
CA SER A 299 -18.33 -3.06 -21.27
CA SER A 299 -18.35 -2.99 -21.26
C SER A 299 -17.10 -3.34 -22.09
C SER A 299 -17.11 -3.38 -22.05
N ASP A 300 -15.90 -3.07 -21.57
CA ASP A 300 -14.67 -3.40 -22.28
C ASP A 300 -13.59 -3.76 -21.24
N PHE A 301 -13.80 -4.86 -20.53
CA PHE A 301 -13.00 -5.12 -19.33
C PHE A 301 -11.53 -5.31 -19.65
N ASP A 302 -11.22 -6.27 -20.51
CA ASP A 302 -9.80 -6.48 -20.81
C ASP A 302 -9.19 -5.25 -21.48
N GLY A 303 -9.97 -4.56 -22.31
CA GLY A 303 -9.36 -3.48 -23.08
C GLY A 303 -9.08 -2.26 -22.24
N LEU A 304 -9.85 -2.05 -21.19
CA LEU A 304 -9.67 -0.90 -20.34
C LEU A 304 -8.93 -1.25 -19.05
N ALA A 305 -8.65 -2.53 -18.82
CA ALA A 305 -8.11 -2.92 -17.51
C ALA A 305 -6.87 -2.13 -17.14
N ALA A 306 -5.91 -1.96 -18.07
CA ALA A 306 -4.66 -1.28 -17.74
C ALA A 306 -4.92 0.14 -17.24
N THR A 307 -5.75 0.91 -17.96
CA THR A 307 -5.96 2.27 -17.50
C THR A 307 -6.88 2.29 -16.29
N ALA A 308 -7.81 1.36 -16.20
CA ALA A 308 -8.73 1.36 -15.04
C ALA A 308 -7.97 1.05 -13.77
N VAL A 309 -7.12 0.04 -13.84
CA VAL A 309 -6.34 -0.30 -12.65
C VAL A 309 -5.44 0.86 -12.26
N GLU A 310 -4.77 1.42 -13.25
CA GLU A 310 -3.85 2.49 -12.92
C GLU A 310 -4.59 3.64 -12.29
N GLU A 311 -5.82 3.93 -12.78
CA GLU A 311 -6.60 5.01 -12.23
C GLU A 311 -7.07 4.67 -10.82
N ILE A 312 -7.35 3.38 -10.57
CA ILE A 312 -7.70 3.01 -9.21
C ILE A 312 -6.51 3.26 -8.28
N VAL A 313 -5.27 2.96 -8.71
CA VAL A 313 -4.14 3.22 -7.85
C VAL A 313 -3.95 4.70 -7.66
N ARG A 314 -4.07 5.51 -8.73
CA ARG A 314 -3.91 6.96 -8.55
C ARG A 314 -4.94 7.45 -7.59
N TRP A 315 -6.17 6.98 -7.76
CA TRP A 315 -7.29 7.50 -7.00
C TRP A 315 -7.15 7.13 -5.56
N ALA A 316 -6.81 5.85 -5.33
CA ALA A 316 -6.71 5.30 -3.96
C ALA A 316 -5.51 5.84 -3.22
N SER A 317 -4.38 5.99 -3.93
CA SER A 317 -3.07 6.21 -3.31
C SER A 317 -2.97 5.51 -1.97
N PRO A 318 -3.04 4.17 -1.96
CA PRO A 318 -3.10 3.42 -0.69
C PRO A 318 -1.99 3.78 0.27
N VAL A 319 -0.79 4.05 -0.24
CA VAL A 319 0.28 4.62 0.54
C VAL A 319 0.20 6.14 0.43
N VAL A 320 -0.12 6.77 1.56
CA VAL A 320 -0.33 8.23 1.57
C VAL A 320 1.01 8.93 1.42
N TYR A 321 2.05 8.43 2.09
CA TYR A 321 3.33 9.08 2.01
C TYR A 321 4.40 8.05 2.34
N MET A 322 5.61 8.36 1.98
CA MET A 322 6.83 7.70 2.50
C MET A 322 7.77 8.78 2.96
N ARG A 323 8.52 8.45 4.01
CA ARG A 323 9.47 9.42 4.59
C ARG A 323 10.89 9.10 4.13
N ARG A 324 11.69 10.14 3.99
CA ARG A 324 13.09 10.05 3.63
C ARG A 324 13.82 10.84 4.68
N THR A 325 15.14 10.71 4.71
CA THR A 325 15.95 11.49 5.63
C THR A 325 17.08 12.09 4.79
N LEU A 326 17.32 13.40 4.93
CA LEU A 326 18.29 14.04 4.05
C LEU A 326 19.70 13.70 4.55
N SER A 327 20.56 13.29 3.63
CA SER A 327 21.99 13.11 3.88
C SER A 327 22.78 14.39 3.68
N GLN A 328 22.21 15.37 2.98
CA GLN A 328 22.90 16.60 2.66
C GLN A 328 21.86 17.70 2.54
N ASP A 329 22.29 18.94 2.77
CA ASP A 329 21.42 20.09 2.60
C ASP A 329 20.85 20.13 1.20
N VAL A 330 19.58 20.58 1.09
CA VAL A 330 18.90 20.61 -0.19
C VAL A 330 18.22 21.95 -0.35
N ASP A 331 18.13 22.43 -1.59
CA ASP A 331 17.43 23.66 -1.89
C ASP A 331 16.66 23.50 -3.20
N LEU A 332 15.38 23.86 -3.16
CA LEU A 332 14.47 23.45 -4.22
C LEU A 332 13.13 24.09 -3.93
N ARG A 333 12.54 24.69 -4.97
CA ARG A 333 11.47 25.68 -4.79
C ARG A 333 11.91 26.75 -3.82
N GLY A 334 13.22 27.02 -3.83
CA GLY A 334 13.77 28.06 -2.99
C GLY A 334 13.59 27.80 -1.52
N THR A 335 13.45 26.54 -1.14
CA THR A 335 13.25 26.17 0.26
C THR A 335 14.46 25.35 0.70
N LYS A 336 15.20 25.88 1.68
CA LYS A 336 16.39 25.24 2.23
C LYS A 336 16.01 24.13 3.19
N MET A 337 16.34 22.90 2.84
CA MET A 337 16.13 21.82 3.78
C MET A 337 17.49 21.29 4.19
N ALA A 338 17.63 21.00 5.48
CA ALA A 338 18.94 20.69 6.06
C ALA A 338 19.23 19.20 6.06
N ALA A 339 20.50 18.86 5.82
CA ALA A 339 20.97 17.51 6.08
C ALA A 339 20.45 17.01 7.42
N GLY A 340 20.00 15.76 7.45
CA GLY A 340 19.43 15.19 8.63
C GLY A 340 17.93 15.44 8.82
N ASP A 341 17.37 16.42 8.11
CA ASP A 341 15.93 16.65 8.19
C ASP A 341 15.17 15.47 7.60
N LYS A 342 13.99 15.20 8.16
CA LYS A 342 13.05 14.29 7.53
C LYS A 342 12.31 14.99 6.40
N VAL A 343 12.01 14.23 5.35
CA VAL A 343 11.25 14.70 4.19
C VAL A 343 10.13 13.70 3.99
N THR A 344 8.94 14.20 3.65
CA THR A 344 7.85 13.27 3.43
C THR A 344 7.31 13.49 2.03
N LEU A 345 7.05 12.39 1.34
CA LEU A 345 6.63 12.37 -0.07
C LEU A 345 5.17 12.03 -0.05
N TRP A 346 4.33 13.02 -0.25
CA TRP A 346 2.88 12.83 -0.15
C TRP A 346 2.33 12.38 -1.48
N TYR A 347 2.33 11.06 -1.69
CA TYR A 347 1.79 10.52 -2.93
C TYR A 347 0.34 10.92 -3.10
N CYS A 348 -0.41 11.03 -1.99
CA CYS A 348 -1.82 11.39 -2.10
C CYS A 348 -1.98 12.74 -2.77
N SER A 349 -0.99 13.60 -2.58
CA SER A 349 -0.99 14.93 -3.13
C SER A 349 -0.43 14.93 -4.55
N ALA A 350 0.67 14.21 -4.76
CA ALA A 350 1.24 14.15 -6.10
C ALA A 350 0.25 13.57 -7.10
N ASN A 351 -0.65 12.71 -6.61
CA ASN A 351 -1.57 12.01 -7.46
C ASN A 351 -2.81 12.85 -7.76
N ARG A 352 -2.78 14.07 -7.26
CA ARG A 352 -3.76 15.09 -7.63
C ARG A 352 -3.11 16.36 -8.16
N ASP A 353 -1.83 16.31 -8.49
CA ASP A 353 -1.08 17.50 -8.91
C ASP A 353 -1.61 18.05 -10.24
N GLU A 354 -2.11 19.30 -10.17
CA GLU A 354 -2.76 19.93 -11.32
C GLU A 354 -1.78 20.16 -12.47
N GLU A 355 -0.49 20.14 -12.16
CA GLU A 355 0.48 20.29 -13.24
C GLU A 355 0.72 19.02 -14.01
N LYS A 356 0.28 17.88 -13.49
CA LYS A 356 0.56 16.63 -14.14
C LYS A 356 -0.65 15.95 -14.67
N PHE A 357 -1.80 16.10 -13.99
CA PHE A 357 -2.98 15.38 -14.40
C PHE A 357 -4.05 16.35 -14.84
N ALA A 358 -4.50 16.20 -16.08
CA ALA A 358 -5.67 16.95 -16.52
C ALA A 358 -6.86 16.46 -15.72
N ASP A 359 -7.71 17.39 -15.22
CA ASP A 359 -8.94 17.00 -14.54
C ASP A 359 -8.56 16.08 -13.37
N PRO A 360 -7.74 16.51 -12.44
CA PRO A 360 -7.28 15.57 -11.40
C PRO A 360 -8.40 14.99 -10.58
N TRP A 361 -9.55 15.68 -10.48
CA TRP A 361 -10.64 15.30 -9.59
C TRP A 361 -11.62 14.40 -10.24
N THR A 362 -11.31 13.96 -11.45
CA THR A 362 -12.14 13.04 -12.18
C THR A 362 -11.53 11.66 -12.09
N PHE A 363 -12.34 10.69 -11.64
CA PHE A 363 -12.01 9.28 -11.64
C PHE A 363 -12.34 8.75 -13.03
N ASP A 364 -11.32 8.47 -13.82
CA ASP A 364 -11.46 8.21 -15.24
C ASP A 364 -10.77 6.90 -15.58
N VAL A 365 -11.54 5.83 -15.80
CA VAL A 365 -10.90 4.54 -16.00
C VAL A 365 -10.24 4.42 -17.37
N THR A 366 -10.41 5.42 -18.23
CA THR A 366 -9.67 5.47 -19.48
C THR A 366 -8.48 6.41 -19.42
N ARG A 367 -8.15 6.95 -18.24
CA ARG A 367 -7.15 8.01 -18.11
C ARG A 367 -5.82 7.62 -18.76
N ASN A 368 -5.36 8.48 -19.65
CA ASN A 368 -4.07 8.20 -20.29
C ASN A 368 -3.58 9.50 -20.90
N PRO A 369 -2.37 9.95 -20.55
CA PRO A 369 -1.43 9.23 -19.67
C PRO A 369 -1.88 9.26 -18.20
N ASN A 370 -1.16 8.54 -17.38
CA ASN A 370 -1.47 8.47 -15.95
C ASN A 370 -0.17 8.24 -15.24
N PRO A 371 0.59 9.29 -15.01
CA PRO A 371 1.89 9.19 -14.35
C PRO A 371 1.75 9.14 -12.83
N GLN A 372 0.91 8.24 -12.36
CA GLN A 372 0.57 8.26 -10.95
C GLN A 372 1.73 7.62 -10.18
N VAL A 373 1.92 8.15 -8.98
CA VAL A 373 3.06 7.73 -8.14
C VAL A 373 2.55 6.99 -6.90
N GLY A 374 1.45 6.28 -7.04
CA GLY A 374 0.97 5.52 -5.90
C GLY A 374 1.89 4.38 -5.51
N PHE A 375 2.67 3.87 -6.48
CA PHE A 375 3.71 2.89 -6.21
C PHE A 375 5.04 3.55 -5.92
N GLY A 376 5.04 4.85 -5.70
CA GLY A 376 6.24 5.61 -5.47
C GLY A 376 6.55 6.47 -6.67
N GLY A 377 7.42 7.44 -6.46
CA GLY A 377 7.86 8.36 -7.49
C GLY A 377 8.80 7.77 -8.53
N GLY A 378 9.13 6.51 -8.45
CA GLY A 378 10.11 5.96 -9.37
C GLY A 378 11.43 5.71 -8.65
N GLY A 379 12.32 5.06 -9.37
CA GLY A 379 13.64 4.94 -8.83
C GLY A 379 13.83 3.72 -7.97
N ALA A 380 14.80 3.80 -7.09
CA ALA A 380 15.42 2.59 -6.52
C ALA A 380 14.45 1.73 -5.72
N HIS A 381 13.53 2.34 -5.00
CA HIS A 381 12.62 1.62 -4.14
C HIS A 381 11.26 1.42 -4.77
N PHE A 382 11.17 1.64 -6.08
CA PHE A 382 9.88 1.52 -6.76
C PHE A 382 9.22 0.18 -6.43
N CYS A 383 7.97 0.27 -5.98
CA CYS A 383 7.20 -0.92 -5.54
C CYS A 383 7.63 -2.21 -6.25
N LEU A 384 8.22 -3.14 -5.49
CA LEU A 384 8.62 -4.39 -6.10
C LEU A 384 7.45 -5.17 -6.61
N GLY A 385 6.29 -5.01 -5.99
CA GLY A 385 5.17 -5.80 -6.43
C GLY A 385 4.18 -5.01 -7.29
N ALA A 386 4.60 -3.92 -7.92
CA ALA A 386 3.61 -3.07 -8.60
C ALA A 386 2.80 -3.87 -9.62
N ASN A 387 3.47 -4.72 -10.38
CA ASN A 387 2.73 -5.47 -11.39
C ASN A 387 1.83 -6.51 -10.74
N LEU A 388 2.29 -7.09 -9.65
CA LEU A 388 1.43 -8.01 -8.91
C LEU A 388 0.20 -7.27 -8.39
N ALA A 389 0.41 -6.06 -7.85
CA ALA A 389 -0.76 -5.33 -7.32
C ALA A 389 -1.74 -5.00 -8.42
N ARG A 390 -1.22 -4.57 -9.59
CA ARG A 390 -2.10 -4.25 -10.70
C ARG A 390 -2.87 -5.50 -11.10
N ARG A 391 -2.20 -6.66 -11.09
CA ARG A 391 -2.89 -7.91 -11.44
C ARG A 391 -3.97 -8.27 -10.44
N GLU A 392 -3.67 -8.14 -9.15
N GLU A 392 -3.67 -8.13 -9.15
CA GLU A 392 -4.68 -8.44 -8.15
CA GLU A 392 -4.67 -8.44 -8.12
C GLU A 392 -5.90 -7.55 -8.34
C GLU A 392 -5.89 -7.54 -8.27
N ILE A 393 -5.68 -6.25 -8.50
CA ILE A 393 -6.78 -5.34 -8.77
C ILE A 393 -7.58 -5.76 -10.00
N ARG A 394 -6.89 -5.95 -11.12
CA ARG A 394 -7.59 -6.33 -12.33
C ARG A 394 -8.43 -7.57 -12.10
N VAL A 395 -7.83 -8.60 -11.50
CA VAL A 395 -8.47 -9.89 -11.44
C VAL A 395 -9.63 -9.84 -10.48
N VAL A 396 -9.46 -9.13 -9.36
CA VAL A 396 -10.57 -9.15 -8.40
C VAL A 396 -11.78 -8.40 -9.00
N PHE A 397 -11.53 -7.31 -9.72
CA PHE A 397 -12.68 -6.67 -10.35
C PHE A 397 -13.18 -7.50 -11.51
N ASP A 398 -12.31 -8.27 -12.15
CA ASP A 398 -12.81 -9.19 -13.16
C ASP A 398 -13.76 -10.22 -12.55
N GLU A 399 -13.38 -10.82 -11.43
CA GLU A 399 -14.25 -11.82 -10.79
C GLU A 399 -15.54 -11.19 -10.26
N LEU A 400 -15.48 -9.96 -9.77
CA LEU A 400 -16.71 -9.31 -9.37
C LEU A 400 -17.60 -9.08 -10.58
N ARG A 401 -17.00 -8.66 -11.70
CA ARG A 401 -17.76 -8.44 -12.93
C ARG A 401 -18.41 -9.71 -13.41
N ARG A 402 -17.70 -10.79 -13.26
CA ARG A 402 -18.23 -12.05 -13.77
C ARG A 402 -19.29 -12.60 -12.82
N GLN A 403 -19.03 -12.58 -11.51
CA GLN A 403 -19.97 -13.28 -10.63
C GLN A 403 -21.09 -12.43 -10.02
N MET A 404 -20.80 -11.15 -9.74
CA MET A 404 -21.81 -10.23 -9.13
C MET A 404 -21.67 -8.88 -9.84
N PRO A 405 -21.94 -8.73 -11.18
CA PRO A 405 -21.60 -7.49 -11.87
C PRO A 405 -22.23 -6.25 -11.30
N ASP A 406 -23.33 -6.33 -10.54
CA ASP A 406 -23.95 -5.10 -10.08
C ASP A 406 -23.56 -4.75 -8.65
N VAL A 407 -22.50 -5.38 -8.12
CA VAL A 407 -22.11 -5.17 -6.74
C VAL A 407 -21.77 -3.71 -6.56
N VAL A 408 -22.19 -3.14 -5.46
CA VAL A 408 -21.96 -1.72 -5.25
C VAL A 408 -21.78 -1.48 -3.75
N ALA A 409 -20.92 -0.51 -3.40
CA ALA A 409 -20.86 -0.03 -2.04
C ALA A 409 -22.18 0.59 -1.67
N THR A 410 -22.65 0.33 -0.47
CA THR A 410 -23.96 0.80 -0.05
C THR A 410 -23.87 1.84 1.06
N GLU A 411 -22.69 2.11 1.56
CA GLU A 411 -22.49 3.02 2.68
C GLU A 411 -21.15 3.69 2.53
N GLU A 412 -20.99 4.88 3.09
CA GLU A 412 -19.64 5.44 3.11
C GLU A 412 -18.76 4.50 3.93
N PRO A 413 -17.51 4.35 3.60
CA PRO A 413 -16.66 3.42 4.35
C PRO A 413 -16.39 3.93 5.75
N ALA A 414 -16.05 2.97 6.63
CA ALA A 414 -15.41 3.28 7.90
C ALA A 414 -13.95 3.50 7.58
N ARG A 415 -13.43 4.70 7.85
CA ARG A 415 -12.08 5.07 7.47
C ARG A 415 -11.09 4.67 8.54
N LEU A 416 -9.94 4.19 8.12
CA LEU A 416 -8.81 3.96 9.01
C LEU A 416 -8.23 5.30 9.42
N LEU A 417 -8.03 5.51 10.71
CA LEU A 417 -7.36 6.73 11.18
C LEU A 417 -5.87 6.51 10.99
N SER A 418 -5.29 7.12 9.97
CA SER A 418 -3.91 6.83 9.65
C SER A 418 -3.35 8.00 8.86
N GLN A 419 -2.10 8.30 9.08
CA GLN A 419 -1.40 9.26 8.27
C GLN A 419 -0.68 8.59 7.11
N PHE A 420 -0.46 7.28 7.20
CA PHE A 420 0.40 6.54 6.31
C PHE A 420 -0.38 5.69 5.34
N ILE A 421 -1.52 5.16 5.75
CA ILE A 421 -2.26 4.22 4.93
C ILE A 421 -3.61 4.89 4.65
N HIS A 422 -4.02 4.90 3.39
CA HIS A 422 -5.35 5.40 3.02
C HIS A 422 -6.33 4.25 3.17
N GLY A 423 -6.73 3.99 4.42
CA GLY A 423 -7.31 2.71 4.78
C GLY A 423 -8.83 2.80 4.88
N ILE A 424 -9.49 1.73 4.44
CA ILE A 424 -10.91 1.50 4.65
C ILE A 424 -11.05 0.28 5.56
N LYS A 425 -11.67 0.48 6.74
N LYS A 425 -11.67 0.47 6.74
CA LYS A 425 -11.85 -0.62 7.69
CA LYS A 425 -11.84 -0.62 7.69
C LYS A 425 -13.01 -1.52 7.31
C LYS A 425 -13.03 -1.52 7.35
N ARG A 426 -14.11 -0.90 6.85
CA ARG A 426 -15.39 -1.59 6.56
C ARG A 426 -16.06 -0.92 5.36
N LEU A 427 -16.35 -1.69 4.31
CA LEU A 427 -17.03 -1.14 3.12
C LEU A 427 -18.17 -2.08 2.84
N PRO A 428 -19.37 -1.75 3.33
CA PRO A 428 -20.55 -2.55 2.99
C PRO A 428 -20.80 -2.52 1.49
N VAL A 429 -21.05 -3.70 0.92
CA VAL A 429 -21.49 -3.79 -0.46
C VAL A 429 -22.75 -4.64 -0.53
N ALA A 430 -23.47 -4.49 -1.65
CA ALA A 430 -24.57 -5.39 -1.96
C ALA A 430 -24.57 -5.76 -3.44
N TRP A 431 -25.15 -6.92 -3.74
CA TRP A 431 -25.28 -7.38 -5.11
C TRP A 431 -26.59 -8.16 -5.26
N SER A 432 -27.05 -8.28 -6.50
CA SER A 432 -28.26 -9.05 -6.77
C SER A 432 -27.90 -10.42 -7.36
CHA HEM B . 7.57 -0.68 -1.93
CHB HEM B . 3.11 1.06 -2.83
CHC HEM B . 1.54 -3.51 -3.45
CHD HEM B . 6.00 -5.20 -2.37
C1A HEM B . 6.53 0.18 -2.12
C2A HEM B . 6.55 1.64 -2.02
C3A HEM B . 5.32 2.07 -2.26
C4A HEM B . 4.47 0.95 -2.54
CMA HEM B . 4.83 3.52 -2.27
CAA HEM B . 7.72 2.63 -1.73
CBA HEM B . 8.17 3.10 -3.13
CGA HEM B . 9.32 4.11 -3.01
O1A HEM B . 9.79 4.38 -1.87
O2A HEM B . 9.73 4.68 -4.02
C1B HEM B . 2.31 -0.05 -3.04
C2B HEM B . 0.95 -0.02 -3.41
C3B HEM B . 0.50 -1.28 -3.58
C4B HEM B . 1.61 -2.14 -3.28
CMB HEM B . 0.18 1.34 -3.51
CAB HEM B . -0.88 -1.87 -3.92
CBB HEM B . -1.86 -1.14 -4.54
C1C HEM B . 2.61 -4.35 -3.24
C2C HEM B . 2.60 -5.79 -3.43
C3C HEM B . 3.84 -6.25 -3.14
C4C HEM B . 4.65 -5.12 -2.75
CMC HEM B . 1.42 -6.64 -3.91
CAC HEM B . 4.27 -7.74 -3.16
CBC HEM B . 5.52 -8.10 -3.57
C1D HEM B . 6.78 -4.10 -2.11
C2D HEM B . 8.15 -4.11 -1.71
C3D HEM B . 8.61 -2.87 -1.57
C4D HEM B . 7.46 -2.02 -1.94
CMD HEM B . 8.91 -5.43 -1.47
CAD HEM B . 9.97 -2.29 -1.19
CBD HEM B . 10.79 -2.16 -2.50
CGD HEM B . 12.14 -1.54 -2.14
O1D HEM B . 12.28 -0.94 -1.04
O2D HEM B . 13.09 -1.58 -2.97
NA HEM B . 5.22 -0.22 -2.40
NB HEM B . 2.69 -1.36 -3.02
NC HEM B . 3.89 -3.97 -2.92
ND HEM B . 6.38 -2.80 -2.24
FE HEM B . 4.59 -2.08 -2.81
C10 Y7R C . 6.93 -0.04 11.68
C11 Y7R C . 6.40 -1.21 11.47
C12 Y7R C . 5.77 -2.05 12.57
C14 Y7R C . 3.56 -2.10 11.71
C16 Y7R C . 2.87 -1.27 12.77
C01 Y7R C . 2.92 -0.36 3.88
C02 Y7R C . 4.23 -0.16 3.13
C03 Y7R C . 5.39 -0.38 3.71
C04 Y7R C . 5.42 -0.84 5.15
C05 Y7R C . 6.77 -0.81 5.84
C06 Y7R C . 6.46 -0.63 7.32
C07 Y7R C . 6.74 0.47 7.96
C08 Y7R C . 6.35 0.57 9.42
C09 Y7R C . 7.46 0.69 10.46
C17 Y7R C . 6.99 0.57 13.07
C18 Y7R C . 5.77 -1.80 8.03
C19 Y7R C . 4.15 0.28 1.69
O13 Y7R C . 4.75 -2.79 11.97
O15 Y7R C . 3.07 -2.17 10.63
C1 PGE D . 2.16 2.39 10.01
O1 PGE D . 1.08 2.11 10.88
C2 PGE D . 2.68 3.79 10.30
O2 PGE D . 2.98 3.83 11.68
C3 PGE D . 4.35 3.79 12.04
C4 PGE D . 4.60 4.74 13.20
O4 PGE D . 2.45 8.68 14.74
C6 PGE D . 2.23 7.35 14.29
C5 PGE D . 3.52 6.54 14.41
O3 PGE D . 3.41 5.45 13.50
C1 PGE E . 3.95 -11.23 -10.52
O1 PGE E . 3.29 -10.75 -11.70
C2 PGE E . 5.03 -10.25 -10.19
O2 PGE E . 5.27 -10.32 -8.80
C3 PGE E . 6.62 -10.35 -8.39
C4 PGE E . 7.55 -9.78 -9.42
O4 PGE E . 10.68 -8.29 -11.50
C6 PGE E . 9.71 -8.18 -10.47
C5 PGE E . 9.86 -9.34 -9.53
O3 PGE E . 8.71 -9.34 -8.72
C1 PEG F . 7.81 -27.02 7.51
O1 PEG F . 7.15 -28.22 7.76
C2 PEG F . 7.03 -25.93 8.25
O2 PEG F . 7.78 -25.13 9.13
C3 PEG F . 7.25 -23.84 9.34
C4 PEG F . 6.20 -23.85 10.44
O4 PEG F . 6.72 -24.23 11.71
N NH4 G . -4.71 17.33 17.59
C1 PGE H . 2.72 -2.88 -20.30
O1 PGE H . 1.60 -2.27 -20.89
C2 PGE H . 3.36 -1.89 -19.35
O2 PGE H . 2.52 -1.76 -18.21
C3 PGE H . 2.94 -0.70 -17.37
C4 PGE H . 1.86 -0.34 -16.39
O4 PGE H . -0.14 2.83 -17.51
C6 PGE H . -0.93 1.65 -17.72
C5 PGE H . -0.29 0.51 -16.95
O3 PGE H . 1.09 0.71 -16.97
S SO4 I . 12.86 10.60 15.22
O1 SO4 I . 11.72 10.04 14.51
O2 SO4 I . 13.09 11.98 14.85
O3 SO4 I . 12.57 10.42 16.65
O4 SO4 I . 14.06 9.87 14.80
S SO4 J . 5.63 -28.30 -5.56
O1 SO4 J . 6.05 -28.29 -6.97
O2 SO4 J . 4.31 -28.90 -5.42
O3 SO4 J . 5.52 -26.94 -5.02
O4 SO4 J . 6.64 -29.06 -4.82
S SO4 K . 10.90 -37.96 -5.18
O1 SO4 K . 9.65 -37.63 -4.60
O2 SO4 K . 10.66 -38.43 -6.53
O3 SO4 K . 11.66 -39.00 -4.45
O4 SO4 K . 11.64 -36.71 -5.21
#